data_4JXC
#
_entry.id   4JXC
#
_cell.length_a   51.132
_cell.length_b   78.729
_cell.length_c   86.209
_cell.angle_alpha   90.00
_cell.angle_beta   90.00
_cell.angle_gamma   90.00
#
_symmetry.space_group_name_H-M   'P 21 21 21'
#
loop_
_entity.id
_entity.type
_entity.pdbx_description
1 polymer 'FEFE-HYDROGENASE MATURASE'
2 non-polymer 'IRON/SULFUR CLUSTER'
3 non-polymer S-ADENOSYLMETHIONINE
4 non-polymer CHAPSO
5 non-polymer GLYCEROL
6 non-polymer 'FE2/S2 (INORGANIC) CLUSTER'
7 non-polymer 'HYDROSULFURIC ACID'
8 non-polymer 'ISOPROPYL ALCOHOL'
9 non-polymer 'CHLORIDE ION'
10 non-polymer 'SULFATE ION'
11 water water
#
_entity_poly.entity_id   1
_entity_poly.type   'polypeptide(L)'
_entity_poly.pdbx_seq_one_letter_code
;MTGREILEKLERREFTREVLKEALSINDRGFNEALFKLADEIRRKYVGDEVHIRAIIEFSNVCRKNCLYCGLRRDNKNLK
RYRMTPEEIVERARLAVQFGAKTIVLQSGEDPYYMPDVISDIVKEIKKMGVAVTLSLGEWPREYYEKWKEAGADRYLLRH
ETANPVLHRKLRPDTSFENRLN(CSO)LLTLKELGYETGAGSMVGLPGQTIDDLVDDLLFLKEHDFDMVGIGPFIPHPDT
PLANEKKGDFTLTLKMVALTRILLPDSNIPATTAMGTIVPGGREITLRCGANVIMPNWTPSPYRQLYQLYPGKICVFEKD
TACIPCVMKMIELLGRKPGRDWGGRKRVFETV
;
_entity_poly.pdbx_strand_id   A
#
loop_
_chem_comp.id
_chem_comp.type
_chem_comp.name
_chem_comp.formula
1N7 non-polymer CHAPSO 'C32 H59 N2 O8 S 1'
CL non-polymer 'CHLORIDE ION' 'Cl -1'
FES non-polymer 'FE2/S2 (INORGANIC) CLUSTER' 'Fe2 S2'
GOL non-polymer GLYCEROL 'C3 H8 O3'
H2S non-polymer 'HYDROSULFURIC ACID' 'H2 S'
IPA non-polymer 'ISOPROPYL ALCOHOL' 'C3 H8 O'
SAM non-polymer S-ADENOSYLMETHIONINE 'C15 H22 N6 O5 S'
SF4 non-polymer 'IRON/SULFUR CLUSTER' 'Fe4 S4'
SO4 non-polymer 'SULFATE ION' 'O4 S -2'
#
# COMPACT_ATOMS: atom_id res chain seq x y z
N THR A 2 25.25 18.52 8.33
CA THR A 2 24.41 19.54 7.66
C THR A 2 23.27 18.85 6.93
N GLY A 3 22.10 19.47 6.92
CA GLY A 3 21.05 19.11 5.97
C GLY A 3 21.61 19.06 4.57
N ARG A 4 22.43 20.07 4.21
CA ARG A 4 23.09 20.12 2.93
C ARG A 4 23.91 18.86 2.66
N GLU A 5 24.69 18.40 3.64
CA GLU A 5 25.54 17.22 3.45
C GLU A 5 24.75 15.92 3.31
N ILE A 6 23.68 15.80 4.08
CA ILE A 6 22.79 14.63 3.98
C ILE A 6 22.17 14.53 2.58
N LEU A 7 21.74 15.67 2.04
CA LEU A 7 21.21 15.69 0.65
C LEU A 7 22.26 15.26 -0.37
N GLU A 8 23.48 15.80 -0.23
CA GLU A 8 24.59 15.39 -1.10
C GLU A 8 24.86 13.88 -1.05
N LYS A 9 24.86 13.32 0.16
CA LYS A 9 25.07 11.88 0.31
C LYS A 9 23.92 11.06 -0.28
N LEU A 10 22.68 11.50 -0.10
CA LEU A 10 21.54 10.87 -0.78
C LEU A 10 21.65 10.96 -2.30
N GLU A 11 22.09 12.12 -2.80
CA GLU A 11 22.27 12.33 -4.24
C GLU A 11 23.35 11.41 -4.78
N ARG A 12 24.40 11.21 -3.98
CA ARG A 12 25.52 10.31 -4.34
C ARG A 12 25.25 8.83 -3.98
N ARG A 13 24.06 8.54 -3.46
CA ARG A 13 23.62 7.17 -3.16
C ARG A 13 24.47 6.49 -2.06
N GLU A 14 24.91 7.28 -1.09
CA GLU A 14 25.63 6.77 0.11
C GLU A 14 24.58 6.56 1.18
N PHE A 15 23.91 5.41 1.08
CA PHE A 15 22.73 5.12 1.88
C PHE A 15 23.09 4.42 3.15
N THR A 16 23.88 5.10 3.97
CA THR A 16 24.29 4.55 5.25
C THR A 16 23.16 4.69 6.26
N ARG A 17 23.17 3.84 7.28
CA ARG A 17 22.24 4.00 8.40
C ARG A 17 22.30 5.42 8.96
N GLU A 18 23.51 5.97 9.09
CA GLU A 18 23.70 7.28 9.64
CA GLU A 18 23.67 7.30 9.65
C GLU A 18 23.01 8.36 8.77
N VAL A 19 23.14 8.24 7.45
CA VAL A 19 22.52 9.24 6.55
C VAL A 19 20.97 9.17 6.67
N LEU A 20 20.44 7.96 6.69
CA LEU A 20 18.98 7.78 6.77
C LEU A 20 18.43 8.26 8.13
N LYS A 21 19.15 7.96 9.21
CA LYS A 21 18.71 8.40 10.51
C LYS A 21 18.72 9.92 10.60
N GLU A 22 19.77 10.56 10.10
CA GLU A 22 19.79 12.01 10.15
C GLU A 22 18.68 12.64 9.28
N ALA A 23 18.45 12.09 8.09
CA ALA A 23 17.36 12.58 7.24
C ALA A 23 16.03 12.54 7.96
N LEU A 24 15.78 11.43 8.66
CA LEU A 24 14.53 11.25 9.39
C LEU A 24 14.43 12.10 10.67
N SER A 25 15.59 12.47 11.23
CA SER A 25 15.66 13.18 12.50
C SER A 25 15.59 14.71 12.34
N ILE A 26 16.17 15.22 11.25
CA ILE A 26 16.19 16.66 11.00
C ILE A 26 14.77 17.17 10.80
N ASN A 27 14.38 18.18 11.56
CA ASN A 27 13.08 18.85 11.47
C ASN A 27 13.34 20.32 11.12
N ASP A 28 13.87 20.50 9.91
CA ASP A 28 14.09 21.80 9.31
C ASP A 28 13.24 21.83 8.03
N ARG A 29 12.47 22.90 7.86
CA ARG A 29 11.56 23.01 6.71
C ARG A 29 12.30 23.02 5.37
N GLY A 30 13.36 23.81 5.28
CA GLY A 30 14.21 23.83 4.10
C GLY A 30 14.78 22.47 3.71
N PHE A 31 15.27 21.72 4.69
CA PHE A 31 15.76 20.37 4.43
C PHE A 31 14.63 19.48 3.92
N ASN A 32 13.52 19.47 4.62
CA ASN A 32 12.41 18.60 4.24
C ASN A 32 11.93 18.91 2.82
N GLU A 33 11.82 20.18 2.48
CA GLU A 33 11.36 20.56 1.15
C GLU A 33 12.36 20.14 0.09
N ALA A 34 13.66 20.24 0.38
CA ALA A 34 14.69 19.79 -0.55
C ALA A 34 14.63 18.27 -0.74
N LEU A 35 14.40 17.55 0.34
CA LEU A 35 14.28 16.09 0.28
C LEU A 35 13.07 15.71 -0.60
N PHE A 36 11.95 16.40 -0.42
CA PHE A 36 10.75 16.10 -1.21
C PHE A 36 10.99 16.41 -2.68
N LYS A 37 11.66 17.53 -2.95
CA LYS A 37 12.02 17.89 -4.31
C LYS A 37 12.91 16.83 -4.97
N LEU A 38 13.90 16.35 -4.22
CA LEU A 38 14.81 15.30 -4.69
C LEU A 38 14.01 14.04 -5.07
N ALA A 39 13.14 13.60 -4.16
CA ALA A 39 12.30 12.41 -4.43
C ALA A 39 11.38 12.61 -5.64
N ASP A 40 10.80 13.80 -5.76
CA ASP A 40 9.89 14.13 -6.85
C ASP A 40 10.65 14.08 -8.19
N GLU A 41 11.88 14.61 -8.20
CA GLU A 41 12.74 14.62 -9.38
CA GLU A 41 12.68 14.62 -9.41
C GLU A 41 13.15 13.21 -9.77
N ILE A 42 13.55 12.41 -8.79
CA ILE A 42 13.93 11.01 -9.02
C ILE A 42 12.74 10.22 -9.58
N ARG A 43 11.56 10.44 -8.99
CA ARG A 43 10.35 9.83 -9.51
C ARG A 43 10.16 10.20 -10.98
N ARG A 44 10.20 11.48 -11.28
CA ARG A 44 9.96 11.91 -12.67
C ARG A 44 10.98 11.27 -13.62
N LYS A 45 12.24 11.28 -13.22
CA LYS A 45 13.30 10.75 -14.10
C LYS A 45 13.19 9.25 -14.33
N TYR A 46 12.87 8.48 -13.31
CA TYR A 46 12.92 7.02 -13.41
C TYR A 46 11.58 6.38 -13.84
N VAL A 47 10.49 6.91 -13.34
CA VAL A 47 9.15 6.32 -13.61
C VAL A 47 8.19 7.23 -14.35
N GLY A 48 8.62 8.47 -14.63
CA GLY A 48 7.86 9.35 -15.48
C GLY A 48 6.65 9.95 -14.83
N ASP A 49 5.81 10.58 -15.65
CA ASP A 49 4.64 11.33 -15.16
C ASP A 49 3.36 10.49 -15.11
N GLU A 50 3.43 9.24 -15.56
CA GLU A 50 2.26 8.34 -15.51
C GLU A 50 1.97 7.99 -14.05
N VAL A 51 0.71 8.19 -13.65
CA VAL A 51 0.24 7.71 -12.36
C VAL A 51 -0.63 6.49 -12.63
N HIS A 52 -0.25 5.34 -12.07
CA HIS A 52 -0.93 4.10 -12.34
C HIS A 52 -2.10 3.91 -11.41
N ILE A 53 -3.26 3.61 -12.00
CA ILE A 53 -4.50 3.44 -11.27
C ILE A 53 -4.72 1.96 -10.99
N ARG A 54 -4.81 1.61 -9.70
CA ARG A 54 -5.09 0.24 -9.25
C ARG A 54 -6.49 0.28 -8.60
N ALA A 55 -7.50 -0.32 -9.22
CA ALA A 55 -8.85 -0.32 -8.69
C ALA A 55 -8.95 -1.40 -7.58
N ILE A 56 -9.24 -0.98 -6.36
CA ILE A 56 -9.25 -1.92 -5.25
CA ILE A 56 -9.25 -1.87 -5.19
C ILE A 56 -10.68 -2.32 -4.88
N ILE A 57 -10.89 -3.62 -4.81
CA ILE A 57 -12.16 -4.21 -4.38
C ILE A 57 -11.87 -4.91 -3.05
N GLU A 58 -12.45 -4.37 -1.98
CA GLU A 58 -12.26 -4.91 -0.64
C GLU A 58 -13.43 -5.86 -0.45
N PHE A 59 -13.21 -7.13 -0.77
CA PHE A 59 -14.34 -8.03 -1.07
C PHE A 59 -14.92 -8.77 0.14
N SER A 60 -14.17 -8.78 1.25
CA SER A 60 -14.60 -9.38 2.50
C SER A 60 -13.90 -8.70 3.65
N ASN A 61 -14.63 -8.42 4.74
CA ASN A 61 -14.00 -7.87 5.94
C ASN A 61 -13.94 -8.90 7.08
N VAL A 62 -14.11 -10.17 6.74
CA VAL A 62 -13.95 -11.26 7.68
C VAL A 62 -12.46 -11.49 7.88
N CYS A 63 -12.04 -11.58 9.14
CA CYS A 63 -10.66 -11.90 9.45
C CYS A 63 -10.48 -12.84 10.63
N ARG A 64 -9.54 -13.75 10.46
CA ARG A 64 -9.19 -14.73 11.47
C ARG A 64 -8.10 -14.23 12.40
N LYS A 65 -7.40 -13.16 12.01
CA LYS A 65 -6.31 -12.62 12.84
C LYS A 65 -6.79 -11.48 13.75
N ASN A 66 -5.93 -11.06 14.67
CA ASN A 66 -6.30 -10.16 15.75
C ASN A 66 -5.33 -9.00 15.87
N CYS A 67 -4.81 -8.51 14.74
CA CYS A 67 -3.79 -7.44 14.79
C CYS A 67 -4.32 -6.29 15.63
N LEU A 68 -3.47 -5.77 16.53
CA LEU A 68 -3.91 -4.83 17.53
C LEU A 68 -4.34 -3.49 16.94
N TYR A 69 -3.79 -3.16 15.78
CA TYR A 69 -4.06 -1.87 15.13
C TYR A 69 -5.31 -1.84 14.24
N CYS A 70 -5.81 -3.00 13.86
CA CYS A 70 -6.76 -3.10 12.74
C CYS A 70 -8.23 -3.24 13.17
N GLY A 71 -9.09 -2.39 12.63
CA GLY A 71 -10.51 -2.46 12.88
C GLY A 71 -11.20 -3.74 12.46
N LEU A 72 -10.59 -4.50 11.54
CA LEU A 72 -11.14 -5.81 11.13
C LEU A 72 -10.71 -6.98 12.04
N ARG A 73 -9.88 -6.71 13.06
CA ARG A 73 -9.42 -7.77 13.94
C ARG A 73 -10.58 -8.64 14.46
N ARG A 74 -10.33 -9.92 14.66
CA ARG A 74 -11.42 -10.84 14.99
C ARG A 74 -12.18 -10.50 16.25
N ASP A 75 -11.49 -9.91 17.23
CA ASP A 75 -12.14 -9.53 18.48
C ASP A 75 -13.10 -8.34 18.39
N ASN A 76 -13.10 -7.63 17.27
CA ASN A 76 -14.02 -6.53 17.09
C ASN A 76 -15.40 -7.08 16.77
N LYS A 77 -16.22 -7.19 17.82
CA LYS A 77 -17.64 -7.58 17.70
C LYS A 77 -18.55 -6.45 17.18
N ASN A 78 -18.10 -5.21 17.18
N ASN A 78 -18.06 -5.22 17.20
CA ASN A 78 -18.97 -4.08 16.80
CA ASN A 78 -18.83 -4.06 16.81
C ASN A 78 -19.26 -3.95 15.29
C ASN A 78 -18.63 -3.72 15.34
N LEU A 79 -18.57 -4.75 14.50
CA LEU A 79 -18.50 -4.56 13.07
C LEU A 79 -19.39 -5.57 12.37
N LYS A 80 -20.23 -5.09 11.46
CA LYS A 80 -21.01 -5.95 10.58
C LYS A 80 -20.03 -6.57 9.55
N ARG A 81 -20.00 -7.90 9.50
CA ARG A 81 -19.13 -8.61 8.58
C ARG A 81 -19.89 -8.86 7.28
N TYR A 82 -19.17 -8.79 6.17
CA TYR A 82 -19.71 -9.05 4.86
C TYR A 82 -18.74 -9.86 4.00
N ARG A 83 -19.32 -10.49 2.99
CA ARG A 83 -18.60 -11.23 1.96
C ARG A 83 -19.33 -11.01 0.63
N MET A 84 -18.61 -10.48 -0.35
CA MET A 84 -19.09 -10.47 -1.72
C MET A 84 -19.05 -11.87 -2.33
N THR A 85 -20.04 -12.19 -3.15
CA THR A 85 -20.04 -13.47 -3.86
C THR A 85 -18.99 -13.43 -4.95
N PRO A 86 -18.51 -14.60 -5.38
CA PRO A 86 -17.55 -14.61 -6.50
C PRO A 86 -18.08 -13.93 -7.76
N GLU A 87 -19.35 -14.13 -8.07
CA GLU A 87 -19.96 -13.47 -9.21
C GLU A 87 -19.92 -11.93 -9.03
N GLU A 88 -20.27 -11.45 -7.84
CA GLU A 88 -20.24 -10.01 -7.53
C GLU A 88 -18.85 -9.45 -7.73
N ILE A 89 -17.84 -10.20 -7.27
CA ILE A 89 -16.47 -9.71 -7.36
C ILE A 89 -16.05 -9.62 -8.82
N VAL A 90 -16.30 -10.68 -9.59
CA VAL A 90 -15.95 -10.68 -11.01
C VAL A 90 -16.64 -9.56 -11.76
N GLU A 91 -17.92 -9.37 -11.52
CA GLU A 91 -18.67 -8.35 -12.26
C GLU A 91 -18.28 -6.93 -11.84
N ARG A 92 -17.93 -6.77 -10.56
CA ARG A 92 -17.41 -5.52 -10.08
C ARG A 92 -16.05 -5.19 -10.73
N ALA A 93 -15.18 -6.19 -10.81
CA ALA A 93 -13.93 -6.04 -11.56
C ALA A 93 -14.19 -5.65 -13.01
N ARG A 94 -15.17 -6.29 -13.66
CA ARG A 94 -15.48 -6.00 -15.05
C ARG A 94 -15.88 -4.53 -15.18
N LEU A 95 -16.67 -4.02 -14.23
CA LEU A 95 -17.07 -2.63 -14.27
C LEU A 95 -15.85 -1.70 -14.15
N ALA A 96 -14.90 -2.03 -13.25
CA ALA A 96 -13.65 -1.25 -13.17
C ALA A 96 -12.90 -1.26 -14.50
N VAL A 97 -12.81 -2.43 -15.14
CA VAL A 97 -12.12 -2.51 -16.46
C VAL A 97 -12.85 -1.67 -17.50
N GLN A 98 -14.18 -1.69 -17.45
CA GLN A 98 -14.99 -0.82 -18.30
C GLN A 98 -14.70 0.66 -18.07
N PHE A 99 -14.36 1.02 -16.83
CA PHE A 99 -14.01 2.39 -16.46
C PHE A 99 -12.53 2.71 -16.73
N GLY A 100 -11.79 1.74 -17.31
CA GLY A 100 -10.42 1.99 -17.72
C GLY A 100 -9.33 1.48 -16.79
N ALA A 101 -9.71 0.76 -15.72
CA ALA A 101 -8.71 0.19 -14.81
C ALA A 101 -7.87 -0.85 -15.54
N LYS A 102 -6.56 -0.74 -15.40
CA LYS A 102 -5.59 -1.69 -15.98
CA LYS A 102 -5.61 -1.70 -15.98
C LYS A 102 -5.03 -2.69 -14.98
N THR A 103 -5.25 -2.44 -13.68
CA THR A 103 -4.94 -3.37 -12.60
C THR A 103 -6.17 -3.45 -11.68
N ILE A 104 -6.57 -4.68 -11.33
CA ILE A 104 -7.58 -4.91 -10.29
C ILE A 104 -6.86 -5.45 -9.08
N VAL A 105 -7.09 -4.83 -7.92
CA VAL A 105 -6.55 -5.30 -6.65
C VAL A 105 -7.69 -5.92 -5.85
N LEU A 106 -7.53 -7.20 -5.46
CA LEU A 106 -8.46 -7.90 -4.57
C LEU A 106 -7.84 -7.90 -3.18
N GLN A 107 -8.50 -7.24 -2.24
CA GLN A 107 -8.04 -7.15 -0.87
C GLN A 107 -9.13 -7.64 0.08
N SER A 108 -8.70 -8.27 1.16
CA SER A 108 -9.63 -8.73 2.18
C SER A 108 -8.96 -8.90 3.51
N GLY A 109 -9.79 -9.06 4.54
CA GLY A 109 -9.33 -9.73 5.76
C GLY A 109 -8.86 -11.14 5.40
N GLU A 110 -8.16 -11.78 6.32
CA GLU A 110 -7.79 -13.18 6.16
C GLU A 110 -9.03 -14.02 6.41
N ASP A 111 -9.82 -14.15 5.36
CA ASP A 111 -11.13 -14.82 5.39
C ASP A 111 -11.00 -16.24 4.81
N PRO A 112 -11.05 -17.27 5.67
CA PRO A 112 -10.89 -18.65 5.17
C PRO A 112 -11.81 -19.10 4.03
N TYR A 113 -13.01 -18.53 3.95
CA TYR A 113 -14.06 -19.00 3.04
C TYR A 113 -13.57 -19.16 1.63
N TYR A 114 -12.79 -18.19 1.15
CA TYR A 114 -12.41 -18.16 -0.26
C TYR A 114 -11.16 -18.98 -0.59
N MET A 115 -10.45 -19.50 0.41
CA MET A 115 -9.04 -19.87 0.24
C MET A 115 -8.86 -21.38 0.11
N PRO A 116 -8.18 -21.85 -0.95
CA PRO A 116 -7.61 -21.09 -2.08
C PRO A 116 -8.45 -21.08 -3.34
N ASP A 117 -9.42 -21.99 -3.47
CA ASP A 117 -9.97 -22.27 -4.79
C ASP A 117 -10.92 -21.19 -5.31
N VAL A 118 -11.66 -20.54 -4.42
CA VAL A 118 -12.59 -19.51 -4.87
C VAL A 118 -11.78 -18.33 -5.43
N ILE A 119 -10.69 -17.96 -4.75
CA ILE A 119 -9.78 -16.92 -5.25
C ILE A 119 -9.26 -17.31 -6.64
N SER A 120 -8.83 -18.55 -6.79
CA SER A 120 -8.31 -18.99 -8.09
C SER A 120 -9.34 -18.81 -9.18
N ASP A 121 -10.57 -19.21 -8.90
CA ASP A 121 -11.64 -19.09 -9.89
C ASP A 121 -11.85 -17.63 -10.29
N ILE A 122 -11.88 -16.75 -9.29
CA ILE A 122 -12.10 -15.34 -9.52
C ILE A 122 -10.96 -14.73 -10.33
N VAL A 123 -9.74 -15.04 -9.95
CA VAL A 123 -8.56 -14.53 -10.64
C VAL A 123 -8.62 -14.97 -12.11
N LYS A 124 -8.96 -16.24 -12.36
CA LYS A 124 -9.00 -16.70 -13.74
C LYS A 124 -9.99 -15.89 -14.57
N GLU A 125 -11.15 -15.57 -13.99
CA GLU A 125 -12.17 -14.83 -14.72
C GLU A 125 -11.76 -13.39 -14.99
N ILE A 126 -11.10 -12.77 -14.02
CA ILE A 126 -10.65 -11.37 -14.19
C ILE A 126 -9.50 -11.30 -15.19
N LYS A 127 -8.61 -12.30 -15.18
CA LYS A 127 -7.52 -12.33 -16.15
C LYS A 127 -7.98 -12.40 -17.60
N LYS A 128 -9.15 -12.97 -17.85
CA LYS A 128 -9.74 -12.96 -19.21
C LYS A 128 -10.00 -11.56 -19.76
N MET A 129 -10.09 -10.57 -18.85
CA MET A 129 -10.36 -9.19 -19.21
CA MET A 129 -10.34 -9.21 -19.28
C MET A 129 -9.12 -8.43 -19.68
N GLY A 130 -7.95 -9.08 -19.66
CA GLY A 130 -6.74 -8.48 -20.20
C GLY A 130 -6.11 -7.40 -19.34
N VAL A 131 -6.23 -7.56 -18.02
CA VAL A 131 -5.66 -6.64 -17.04
C VAL A 131 -4.74 -7.37 -16.05
N ALA A 132 -3.96 -6.58 -15.29
CA ALA A 132 -3.15 -7.14 -14.19
C ALA A 132 -4.06 -7.42 -12.99
N VAL A 133 -3.76 -8.50 -12.26
CA VAL A 133 -4.43 -8.79 -11.00
C VAL A 133 -3.39 -8.80 -9.86
N THR A 134 -3.69 -8.02 -8.84
CA THR A 134 -2.92 -7.94 -7.62
C THR A 134 -3.78 -8.51 -6.48
N LEU A 135 -3.19 -9.40 -5.70
CA LEU A 135 -3.82 -9.95 -4.49
C LEU A 135 -3.25 -9.33 -3.25
N SER A 136 -4.10 -9.11 -2.26
CA SER A 136 -3.66 -8.61 -0.94
C SER A 136 -4.57 -9.28 0.08
N LEU A 137 -4.25 -10.55 0.36
CA LEU A 137 -5.11 -11.41 1.18
C LEU A 137 -4.48 -11.85 2.48
N GLY A 138 -3.29 -11.35 2.77
CA GLY A 138 -2.56 -11.71 4.00
C GLY A 138 -1.69 -12.95 3.85
N GLU A 139 -1.48 -13.62 4.97
CA GLU A 139 -0.56 -14.77 5.09
C GLU A 139 -1.29 -16.08 4.89
N TRP A 140 -0.81 -16.87 3.92
CA TRP A 140 -1.41 -18.15 3.60
C TRP A 140 -0.29 -19.13 3.28
N PRO A 141 -0.58 -20.44 3.28
CA PRO A 141 0.43 -21.40 2.90
C PRO A 141 1.03 -21.18 1.52
N ARG A 142 2.29 -21.58 1.33
CA ARG A 142 2.96 -21.51 0.05
C ARG A 142 2.08 -22.08 -1.04
N GLU A 143 1.44 -23.22 -0.77
CA GLU A 143 0.58 -23.85 -1.76
C GLU A 143 -0.52 -22.95 -2.29
N TYR A 144 -1.09 -22.10 -1.43
CA TYR A 144 -2.13 -21.21 -1.86
C TYR A 144 -1.53 -20.17 -2.81
N TYR A 145 -0.41 -19.60 -2.40
CA TYR A 145 0.25 -18.60 -3.26
C TYR A 145 0.62 -19.21 -4.61
N GLU A 146 1.05 -20.48 -4.60
CA GLU A 146 1.37 -21.17 -5.85
C GLU A 146 0.15 -21.32 -6.76
N LYS A 147 -0.96 -21.78 -6.18
CA LYS A 147 -2.22 -21.92 -6.92
C LYS A 147 -2.67 -20.58 -7.53
N TRP A 148 -2.53 -19.51 -6.77
CA TRP A 148 -2.97 -18.18 -7.24
C TRP A 148 -2.09 -17.67 -8.38
N LYS A 149 -0.81 -17.98 -8.31
CA LYS A 149 0.11 -17.61 -9.38
C LYS A 149 -0.23 -18.40 -10.64
N GLU A 150 -0.46 -19.71 -10.48
CA GLU A 150 -0.91 -20.55 -11.60
C GLU A 150 -2.22 -20.08 -12.23
N ALA A 151 -3.11 -19.53 -11.39
CA ALA A 151 -4.39 -19.00 -11.81
C ALA A 151 -4.26 -17.71 -12.61
N GLY A 152 -3.08 -17.07 -12.53
CA GLY A 152 -2.82 -15.87 -13.29
C GLY A 152 -2.55 -14.60 -12.50
N ALA A 153 -2.53 -14.65 -11.17
CA ALA A 153 -2.23 -13.43 -10.40
C ALA A 153 -0.84 -12.92 -10.75
N ASP A 154 -0.74 -11.60 -10.88
CA ASP A 154 0.51 -10.94 -11.29
C ASP A 154 1.34 -10.43 -10.13
N ARG A 155 0.65 -9.87 -9.12
CA ARG A 155 1.30 -9.15 -8.02
C ARG A 155 0.66 -9.54 -6.71
N TYR A 156 1.39 -9.29 -5.63
CA TYR A 156 0.91 -9.57 -4.28
C TYR A 156 1.41 -8.48 -3.36
N LEU A 157 0.48 -7.84 -2.64
CA LEU A 157 0.81 -6.80 -1.68
C LEU A 157 0.73 -7.41 -0.28
N LEU A 158 1.85 -7.45 0.43
CA LEU A 158 1.89 -7.96 1.78
C LEU A 158 2.79 -7.02 2.59
N ARG A 159 2.23 -5.93 3.06
CA ARG A 159 3.03 -4.97 3.78
C ARG A 159 3.75 -5.65 4.95
N HIS A 160 5.03 -5.35 5.15
CA HIS A 160 5.75 -5.97 6.25
C HIS A 160 5.40 -5.39 7.63
N GLU A 161 4.77 -4.20 7.63
CA GLU A 161 4.16 -3.53 8.78
C GLU A 161 5.19 -2.84 9.67
N THR A 162 6.13 -3.62 10.16
CA THR A 162 7.27 -3.16 10.92
C THR A 162 8.35 -4.23 10.88
N ALA A 163 9.58 -3.79 10.66
CA ALA A 163 10.74 -4.68 10.61
C ALA A 163 11.36 -4.92 11.98
N ASN A 164 10.77 -4.37 13.04
CA ASN A 164 11.17 -4.67 14.43
C ASN A 164 10.43 -5.94 14.85
N PRO A 165 11.17 -7.07 15.04
CA PRO A 165 10.44 -8.32 15.29
C PRO A 165 9.67 -8.34 16.63
N VAL A 166 10.16 -7.58 17.60
CA VAL A 166 9.51 -7.53 18.89
C VAL A 166 8.19 -6.76 18.81
N LEU A 167 8.24 -5.59 18.19
CA LEU A 167 7.05 -4.81 17.95
C LEU A 167 6.05 -5.59 17.08
N HIS A 168 6.57 -6.26 16.04
CA HIS A 168 5.72 -6.98 15.08
C HIS A 168 4.93 -8.07 15.80
N ARG A 169 5.62 -8.85 16.64
CA ARG A 169 4.99 -9.93 17.39
C ARG A 169 3.96 -9.42 18.40
N LYS A 170 4.25 -8.31 19.08
CA LYS A 170 3.29 -7.72 19.99
C LYS A 170 2.04 -7.19 19.28
N LEU A 171 2.23 -6.56 18.12
CA LEU A 171 1.10 -5.98 17.38
C LEU A 171 0.32 -7.03 16.59
N ARG A 172 0.98 -8.15 16.27
CA ARG A 172 0.39 -9.16 15.39
C ARG A 172 0.56 -10.52 16.07
N PRO A 173 -0.21 -10.75 17.14
CA PRO A 173 0.03 -11.87 18.06
C PRO A 173 -0.23 -13.29 17.53
N ASP A 174 -0.82 -13.38 16.34
CA ASP A 174 -1.06 -14.63 15.67
C ASP A 174 0.15 -15.10 14.87
N THR A 175 1.15 -14.24 14.73
CA THR A 175 2.19 -14.48 13.75
C THR A 175 3.50 -13.79 14.15
N SER A 176 4.36 -13.53 13.18
CA SER A 176 5.69 -12.99 13.50
C SER A 176 6.28 -12.33 12.28
N PHE A 177 7.29 -11.50 12.51
CA PHE A 177 8.03 -10.89 11.43
C PHE A 177 8.73 -11.99 10.59
N GLU A 178 9.23 -13.03 11.25
CA GLU A 178 9.87 -14.14 10.55
C GLU A 178 8.87 -14.76 9.57
N ASN A 179 7.62 -14.97 9.98
CA ASN A 179 6.59 -15.50 9.09
CA ASN A 179 6.66 -15.53 9.05
C ASN A 179 6.32 -14.53 7.93
N ARG A 180 6.15 -13.26 8.27
CA ARG A 180 5.86 -12.24 7.28
C ARG A 180 6.95 -12.18 6.20
N LEU A 181 8.19 -12.17 6.65
CA LEU A 181 9.33 -12.19 5.74
C LEU A 181 9.36 -13.46 4.90
N ASN A 182 9.13 -14.61 5.51
CA ASN A 182 9.10 -15.86 4.74
C ASN A 182 8.00 -15.83 3.66
N CSO A 183 6.83 -15.26 3.99
CA CSO A 183 5.78 -15.07 2.99
CB CSO A 183 4.48 -14.51 3.58
SG CSO A 183 3.75 -15.61 4.81
C CSO A 183 6.26 -14.19 1.84
O CSO A 183 6.07 -14.55 0.69
OD CSO A 183 2.78 -16.85 4.05
N LEU A 184 6.90 -13.07 2.16
CA LEU A 184 7.40 -12.15 1.15
C LEU A 184 8.46 -12.79 0.24
N LEU A 185 9.36 -13.56 0.84
CA LEU A 185 10.38 -14.29 0.07
C LEU A 185 9.75 -15.37 -0.83
N THR A 186 8.71 -16.05 -0.35
CA THR A 186 7.99 -17.04 -1.13
C THR A 186 7.32 -16.39 -2.34
N LEU A 187 6.67 -15.25 -2.10
CA LEU A 187 6.02 -14.51 -3.17
C LEU A 187 7.05 -14.11 -4.25
N LYS A 188 8.20 -13.62 -3.82
CA LYS A 188 9.29 -13.30 -4.76
C LYS A 188 9.75 -14.51 -5.55
N GLU A 189 9.92 -15.62 -4.85
CA GLU A 189 10.42 -16.87 -5.47
C GLU A 189 9.43 -17.41 -6.52
N LEU A 190 8.14 -17.20 -6.28
CA LEU A 190 7.09 -17.65 -7.20
C LEU A 190 6.91 -16.75 -8.40
N GLY A 191 7.59 -15.60 -8.44
CA GLY A 191 7.56 -14.68 -9.57
C GLY A 191 6.51 -13.57 -9.50
N TYR A 192 5.85 -13.39 -8.35
CA TYR A 192 4.99 -12.24 -8.20
C TYR A 192 5.81 -10.95 -8.20
N GLU A 193 5.26 -9.89 -8.80
CA GLU A 193 5.70 -8.55 -8.39
C GLU A 193 5.23 -8.40 -6.94
N THR A 194 6.17 -8.17 -6.04
CA THR A 194 5.94 -8.31 -4.60
C THR A 194 6.05 -6.96 -3.91
N GLY A 195 4.99 -6.64 -3.16
CA GLY A 195 4.88 -5.38 -2.46
C GLY A 195 4.99 -5.58 -0.97
N ALA A 196 5.79 -4.73 -0.34
CA ALA A 196 5.91 -4.68 1.11
C ALA A 196 5.59 -3.25 1.57
N GLY A 197 6.15 -2.83 2.69
CA GLY A 197 5.91 -1.50 3.21
C GLY A 197 5.44 -1.55 4.65
N SER A 198 5.46 -0.41 5.32
CA SER A 198 5.24 -0.35 6.76
C SER A 198 4.30 0.75 7.15
N MET A 199 3.84 0.72 8.38
CA MET A 199 3.14 1.83 9.00
C MET A 199 4.16 2.70 9.75
N VAL A 200 3.85 3.99 9.81
CA VAL A 200 4.64 4.96 10.52
C VAL A 200 3.86 5.53 11.71
N GLY A 201 4.51 5.58 12.87
CA GLY A 201 3.83 6.06 14.08
C GLY A 201 3.15 5.01 14.93
N LEU A 202 3.52 3.74 14.74
CA LEU A 202 2.99 2.69 15.58
C LEU A 202 3.44 2.96 17.03
N PRO A 203 2.59 2.58 18.01
CA PRO A 203 2.99 2.80 19.40
C PRO A 203 4.30 2.08 19.70
N GLY A 204 5.27 2.81 20.25
CA GLY A 204 6.57 2.24 20.59
C GLY A 204 7.59 2.17 19.50
N GLN A 205 7.23 2.60 18.29
CA GLN A 205 8.13 2.55 17.16
C GLN A 205 9.06 3.75 17.19
N THR A 206 10.33 3.51 16.94
CA THR A 206 11.35 4.56 17.02
C THR A 206 11.84 5.02 15.65
N ILE A 207 12.61 6.11 15.64
CA ILE A 207 13.29 6.52 14.41
C ILE A 207 14.23 5.40 13.91
N ASP A 208 14.94 4.75 14.82
CA ASP A 208 15.80 3.63 14.41
C ASP A 208 15.01 2.52 13.71
N ASP A 209 13.80 2.27 14.21
CA ASP A 209 12.89 1.32 13.59
C ASP A 209 12.57 1.73 12.16
N LEU A 210 12.29 3.01 11.97
CA LEU A 210 11.98 3.51 10.62
C LEU A 210 13.17 3.35 9.67
N VAL A 211 14.37 3.64 10.15
CA VAL A 211 15.58 3.40 9.38
C VAL A 211 15.69 1.91 9.02
N ASP A 212 15.37 1.04 9.98
CA ASP A 212 15.37 -0.39 9.71
C ASP A 212 14.36 -0.78 8.63
N ASP A 213 13.20 -0.14 8.64
CA ASP A 213 12.19 -0.36 7.59
C ASP A 213 12.75 0.01 6.22
N LEU A 214 13.38 1.18 6.12
CA LEU A 214 14.01 1.61 4.84
C LEU A 214 15.08 0.65 4.36
N LEU A 215 15.95 0.22 5.29
CA LEU A 215 17.03 -0.72 4.92
C LEU A 215 16.48 -2.11 4.51
N PHE A 216 15.43 -2.56 5.19
CA PHE A 216 14.71 -3.78 4.84
C PHE A 216 14.16 -3.73 3.42
N LEU A 217 13.51 -2.61 3.09
CA LEU A 217 12.92 -2.44 1.77
C LEU A 217 13.99 -2.45 0.71
N LYS A 218 15.08 -1.72 0.96
CA LYS A 218 16.19 -1.64 0.01
C LYS A 218 16.84 -3.02 -0.20
N GLU A 219 17.01 -3.74 0.90
CA GLU A 219 17.69 -5.05 0.91
C GLU A 219 17.00 -6.03 -0.01
N HIS A 220 15.67 -6.06 0.06
CA HIS A 220 14.87 -7.05 -0.65
C HIS A 220 14.34 -6.53 -1.98
N ASP A 221 14.60 -5.27 -2.30
CA ASP A 221 14.33 -4.73 -3.63
C ASP A 221 12.90 -4.98 -4.10
N PHE A 222 11.96 -4.66 -3.22
CA PHE A 222 10.55 -4.87 -3.51
C PHE A 222 10.06 -4.07 -4.71
N ASP A 223 9.14 -4.68 -5.45
CA ASP A 223 8.55 -4.05 -6.65
C ASP A 223 7.59 -2.91 -6.31
N MET A 224 6.87 -3.07 -5.20
CA MET A 224 5.97 -2.04 -4.69
CA MET A 224 5.96 -2.06 -4.69
C MET A 224 6.23 -1.83 -3.21
N VAL A 225 6.06 -0.59 -2.77
CA VAL A 225 6.17 -0.26 -1.36
C VAL A 225 4.99 0.62 -0.95
N GLY A 226 4.15 0.09 -0.07
CA GLY A 226 3.03 0.83 0.50
C GLY A 226 3.32 1.28 1.91
N ILE A 227 3.31 2.60 2.11
CA ILE A 227 3.64 3.24 3.37
C ILE A 227 2.51 4.19 3.72
N GLY A 228 2.12 4.19 5.00
CA GLY A 228 1.12 5.08 5.51
C GLY A 228 1.22 5.25 6.99
N PRO A 229 0.53 6.26 7.54
CA PRO A 229 0.55 6.48 8.96
C PRO A 229 -0.36 5.48 9.65
N PHE A 230 0.01 5.12 10.87
CA PHE A 230 -0.90 4.40 11.76
C PHE A 230 -2.04 5.37 12.17
N ILE A 231 -3.26 4.91 12.02
CA ILE A 231 -4.46 5.66 12.39
C ILE A 231 -5.24 4.84 13.44
N PRO A 232 -5.33 5.35 14.69
CA PRO A 232 -6.00 4.54 15.72
C PRO A 232 -7.47 4.30 15.45
N HIS A 233 -7.92 3.08 15.71
CA HIS A 233 -9.30 2.69 15.51
C HIS A 233 -9.92 2.51 16.90
N PRO A 234 -11.12 3.09 17.11
CA PRO A 234 -11.72 3.10 18.47
C PRO A 234 -12.13 1.73 19.02
N ASP A 235 -12.31 0.74 18.15
CA ASP A 235 -12.70 -0.61 18.58
C ASP A 235 -11.52 -1.57 18.59
N THR A 236 -10.34 -1.08 18.95
CA THR A 236 -9.12 -1.87 19.01
C THR A 236 -8.36 -1.48 20.29
N PRO A 237 -7.42 -2.34 20.71
CA PRO A 237 -6.61 -2.05 21.89
C PRO A 237 -5.75 -0.79 21.79
N LEU A 238 -5.53 -0.30 20.58
CA LEU A 238 -4.74 0.91 20.33
C LEU A 238 -5.56 2.18 20.15
N ALA A 239 -6.84 2.15 20.51
CA ALA A 239 -7.78 3.28 20.36
C ALA A 239 -7.26 4.62 20.87
N ASN A 240 -6.53 4.60 21.98
CA ASN A 240 -6.09 5.84 22.64
C ASN A 240 -4.65 6.21 22.33
N GLU A 241 -4.05 5.55 21.34
CA GLU A 241 -2.70 5.87 20.94
C GLU A 241 -2.70 7.04 19.96
N LYS A 242 -1.53 7.64 19.79
CA LYS A 242 -1.39 8.74 18.86
C LYS A 242 -1.31 8.27 17.41
N LYS A 243 -1.91 9.05 16.52
CA LYS A 243 -1.78 8.80 15.09
C LYS A 243 -0.37 9.10 14.61
N GLY A 244 0.03 8.42 13.55
CA GLY A 244 1.29 8.72 12.88
C GLY A 244 1.36 10.13 12.33
N ASP A 245 2.56 10.68 12.32
CA ASP A 245 2.78 12.03 11.81
C ASP A 245 2.82 12.01 10.28
N PHE A 246 2.03 12.86 9.67
CA PHE A 246 1.99 12.94 8.19
C PHE A 246 3.36 13.29 7.58
N THR A 247 4.02 14.32 8.12
CA THR A 247 5.29 14.76 7.51
C THR A 247 6.37 13.69 7.60
N LEU A 248 6.47 13.02 8.75
CA LEU A 248 7.42 11.93 8.91
C LEU A 248 7.14 10.78 7.93
N THR A 249 5.86 10.46 7.78
CA THR A 249 5.44 9.42 6.86
C THR A 249 5.78 9.80 5.41
N LEU A 250 5.57 11.08 5.09
CA LEU A 250 5.93 11.60 3.79
C LEU A 250 7.42 11.50 3.50
N LYS A 251 8.24 11.76 4.54
CA LYS A 251 9.68 11.56 4.42
C LYS A 251 10.06 10.10 4.17
N MET A 252 9.32 9.18 4.78
CA MET A 252 9.53 7.76 4.52
C MET A 252 9.25 7.41 3.04
N VAL A 253 8.17 7.97 2.50
CA VAL A 253 7.83 7.79 1.09
C VAL A 253 8.96 8.37 0.22
N ALA A 254 9.40 9.60 0.51
CA ALA A 254 10.44 10.26 -0.26
C ALA A 254 11.72 9.43 -0.21
N LEU A 255 12.10 8.97 0.97
CA LEU A 255 13.32 8.16 1.06
C LEU A 255 13.21 6.83 0.37
N THR A 256 12.00 6.24 0.40
CA THR A 256 11.77 4.98 -0.35
C THR A 256 12.01 5.19 -1.85
N ARG A 257 11.51 6.29 -2.39
CA ARG A 257 11.74 6.61 -3.81
C ARG A 257 13.25 6.76 -4.09
N ILE A 258 13.93 7.48 -3.21
CA ILE A 258 15.38 7.71 -3.38
C ILE A 258 16.15 6.37 -3.35
N LEU A 259 15.74 5.49 -2.44
CA LEU A 259 16.38 4.18 -2.29
C LEU A 259 16.06 3.20 -3.38
N LEU A 260 14.81 3.23 -3.84
CA LEU A 260 14.29 2.28 -4.86
C LEU A 260 13.68 3.10 -6.01
N PRO A 261 14.55 3.70 -6.82
CA PRO A 261 14.08 4.73 -7.76
C PRO A 261 13.13 4.24 -8.86
N ASP A 262 13.19 2.94 -9.18
CA ASP A 262 12.31 2.36 -10.20
C ASP A 262 11.14 1.56 -9.64
N SER A 263 10.85 1.70 -8.34
CA SER A 263 9.76 0.94 -7.73
C SER A 263 8.42 1.64 -7.95
N ASN A 264 7.34 0.89 -7.71
CA ASN A 264 5.98 1.44 -7.69
C ASN A 264 5.61 1.78 -6.26
N ILE A 265 5.18 3.01 -6.04
CA ILE A 265 4.95 3.51 -4.70
C ILE A 265 3.59 4.22 -4.69
N PRO A 266 2.58 3.63 -4.01
CA PRO A 266 1.29 4.30 -3.92
C PRO A 266 1.26 5.49 -2.95
N ALA A 267 0.38 6.44 -3.26
CA ALA A 267 -0.09 7.43 -2.36
C ALA A 267 -1.28 6.80 -1.65
N THR A 268 -1.04 6.30 -0.43
CA THR A 268 -1.99 5.43 0.26
C THR A 268 -3.20 6.19 0.77
N THR A 269 -4.31 5.47 0.90
CA THR A 269 -5.54 6.08 1.38
C THR A 269 -5.36 6.65 2.77
N ALA A 270 -4.54 6.00 3.59
CA ALA A 270 -4.28 6.52 4.95
C ALA A 270 -3.65 7.92 4.91
N MET A 271 -2.78 8.17 3.94
CA MET A 271 -2.20 9.52 3.78
C MET A 271 -3.29 10.55 3.50
N GLY A 272 -4.29 10.18 2.69
CA GLY A 272 -5.39 11.09 2.41
C GLY A 272 -6.41 11.22 3.53
N THR A 273 -6.37 10.30 4.47
CA THR A 273 -7.27 10.28 5.60
C THR A 273 -6.80 11.20 6.70
N ILE A 274 -5.50 11.22 7.01
CA ILE A 274 -5.03 12.04 8.11
CA ILE A 274 -5.01 12.03 8.13
C ILE A 274 -4.83 13.52 7.77
N VAL A 275 -4.67 13.83 6.49
CA VAL A 275 -4.53 15.19 6.01
C VAL A 275 -5.34 15.34 4.73
N PRO A 276 -6.27 16.32 4.67
CA PRO A 276 -6.98 16.57 3.43
C PRO A 276 -6.00 16.92 2.32
N GLY A 277 -6.12 16.21 1.20
CA GLY A 277 -5.21 16.36 0.08
C GLY A 277 -3.88 15.66 0.30
N GLY A 278 -3.82 14.74 1.26
CA GLY A 278 -2.56 14.03 1.56
C GLY A 278 -2.05 13.15 0.43
N ARG A 279 -2.95 12.50 -0.31
CA ARG A 279 -2.52 11.65 -1.42
C ARG A 279 -1.85 12.49 -2.53
N GLU A 280 -2.45 13.64 -2.84
CA GLU A 280 -1.90 14.53 -3.86
C GLU A 280 -0.51 15.00 -3.49
N ILE A 281 -0.34 15.36 -2.22
CA ILE A 281 0.99 15.75 -1.72
C ILE A 281 1.96 14.57 -1.94
N THR A 282 1.53 13.37 -1.59
CA THR A 282 2.42 12.21 -1.62
C THR A 282 2.82 11.87 -3.06
N LEU A 283 1.91 12.07 -4.00
CA LEU A 283 2.22 11.88 -5.42
C LEU A 283 3.26 12.86 -5.93
N ARG A 284 3.47 13.95 -5.20
CA ARG A 284 4.47 14.97 -5.53
C ARG A 284 5.75 14.86 -4.71
N CYS A 285 5.88 13.81 -3.90
CA CYS A 285 7.06 13.58 -3.05
C CYS A 285 7.59 12.18 -3.22
N GLY A 286 7.29 11.56 -4.38
CA GLY A 286 7.89 10.28 -4.77
C GLY A 286 6.92 9.20 -5.20
N ALA A 287 5.63 9.34 -4.88
CA ALA A 287 4.67 8.31 -5.25
C ALA A 287 4.25 8.42 -6.72
N ASN A 288 3.87 7.27 -7.29
CA ASN A 288 3.49 7.20 -8.72
C ASN A 288 2.28 6.30 -8.96
N VAL A 289 1.59 5.89 -7.88
CA VAL A 289 0.45 4.99 -7.97
C VAL A 289 -0.69 5.52 -7.09
N ILE A 290 -1.92 5.33 -7.53
CA ILE A 290 -3.10 5.69 -6.75
C ILE A 290 -4.06 4.51 -6.82
N MET A 291 -4.77 4.26 -5.71
CA MET A 291 -5.64 3.10 -5.57
CA MET A 291 -5.64 3.09 -5.58
C MET A 291 -7.08 3.54 -5.24
N PRO A 292 -7.85 3.93 -6.27
CA PRO A 292 -9.22 4.35 -6.00
C PRO A 292 -10.08 3.21 -5.44
N ASN A 293 -10.94 3.53 -4.48
CA ASN A 293 -11.83 2.55 -3.87
C ASN A 293 -12.90 2.11 -4.88
N TRP A 294 -12.96 0.82 -5.17
CA TRP A 294 -13.97 0.26 -6.06
C TRP A 294 -14.83 -0.76 -5.36
N THR A 295 -14.85 -0.74 -4.04
CA THR A 295 -15.74 -1.60 -3.27
C THR A 295 -17.15 -1.05 -3.40
N PRO A 296 -18.13 -1.90 -3.69
CA PRO A 296 -19.48 -1.36 -3.81
C PRO A 296 -20.12 -1.03 -2.48
N SER A 297 -21.12 -0.15 -2.46
CA SER A 297 -22.11 -0.12 -1.36
C SER A 297 -22.96 -1.39 -1.44
N PRO A 298 -23.46 -1.88 -0.30
CA PRO A 298 -23.37 -1.32 1.01
C PRO A 298 -22.13 -1.73 1.80
N TYR A 299 -21.12 -2.29 1.14
CA TYR A 299 -19.95 -2.90 1.82
C TYR A 299 -18.81 -1.93 2.11
N ARG A 300 -18.60 -0.97 1.22
CA ARG A 300 -17.50 -0.01 1.37
C ARG A 300 -17.38 0.60 2.78
N GLN A 301 -18.49 1.00 3.37
CA GLN A 301 -18.49 1.58 4.70
C GLN A 301 -18.15 0.60 5.84
N LEU A 302 -18.20 -0.70 5.56
CA LEU A 302 -17.90 -1.71 6.55
C LEU A 302 -16.43 -2.17 6.55
N TYR A 303 -15.63 -1.71 5.60
CA TYR A 303 -14.23 -2.14 5.52
C TYR A 303 -13.44 -1.08 6.26
N GLN A 304 -13.59 -1.14 7.59
CA GLN A 304 -13.16 -0.07 8.50
C GLN A 304 -11.83 -0.38 9.18
N LEU A 305 -10.72 -0.43 8.41
CA LEU A 305 -9.36 -0.74 8.97
C LEU A 305 -9.01 0.32 10.01
N TYR A 306 -9.28 1.57 9.64
CA TYR A 306 -9.15 2.72 10.50
C TYR A 306 -10.36 3.62 10.20
N PRO A 307 -10.70 4.53 11.13
CA PRO A 307 -11.81 5.46 10.98
C PRO A 307 -11.53 6.62 10.02
N GLY A 308 -12.62 7.23 9.54
N GLY A 308 -12.60 7.19 9.48
CA GLY A 308 -12.56 8.42 8.70
CA GLY A 308 -12.52 8.39 8.62
C GLY A 308 -12.19 8.13 7.25
C GLY A 308 -11.92 8.10 7.24
N LYS A 309 -12.15 6.84 6.89
N LYS A 309 -12.02 6.86 6.80
CA LYS A 309 -11.54 6.44 5.62
CA LYS A 309 -11.29 6.41 5.63
C LYS A 309 -12.23 7.17 4.48
C LYS A 309 -11.19 7.46 4.52
N ILE A 310 -11.45 7.80 3.59
N ILE A 310 -12.32 7.81 3.93
CA ILE A 310 -12.03 8.57 2.46
CA ILE A 310 -12.36 8.62 2.70
C ILE A 310 -12.84 7.65 1.55
C ILE A 310 -12.85 7.69 1.59
N CYS A 311 -13.65 8.25 0.68
CA CYS A 311 -14.39 7.51 -0.37
C CYS A 311 -15.68 6.85 0.13
N VAL A 312 -15.87 6.75 1.45
CA VAL A 312 -16.99 5.97 2.00
C VAL A 312 -18.38 6.49 1.67
N PHE A 313 -18.52 7.80 1.59
CA PHE A 313 -19.79 8.44 1.29
C PHE A 313 -20.03 8.69 -0.20
N GLU A 314 -19.03 8.37 -1.03
CA GLU A 314 -19.13 8.67 -2.44
C GLU A 314 -19.89 7.56 -3.16
N LYS A 315 -20.39 7.87 -4.34
CA LYS A 315 -21.10 6.88 -5.14
C LYS A 315 -20.17 5.76 -5.58
N ASP A 316 -20.82 4.66 -5.94
CA ASP A 316 -20.13 3.37 -6.24
CA ASP A 316 -20.24 3.41 -6.30
C ASP A 316 -19.10 3.53 -7.32
N THR A 317 -19.36 4.38 -8.30
CA THR A 317 -18.46 4.53 -9.44
C THR A 317 -17.67 5.85 -9.41
N ALA A 318 -17.70 6.58 -8.30
CA ALA A 318 -17.09 7.92 -8.25
C ALA A 318 -15.55 7.93 -8.29
N CYS A 319 -14.90 6.89 -7.75
CA CYS A 319 -13.50 7.02 -7.36
C CYS A 319 -12.51 6.94 -8.53
N ILE A 320 -12.82 6.17 -9.57
CA ILE A 320 -11.96 6.13 -10.76
C ILE A 320 -12.02 7.52 -11.45
N PRO A 321 -13.22 8.06 -11.73
CA PRO A 321 -13.25 9.43 -12.27
C PRO A 321 -12.56 10.45 -11.38
N CYS A 322 -12.70 10.30 -10.06
CA CYS A 322 -12.09 11.24 -9.11
CA CYS A 322 -12.10 11.26 -9.14
C CYS A 322 -10.57 11.24 -9.24
N VAL A 323 -9.97 10.06 -9.30
CA VAL A 323 -8.53 10.01 -9.41
C VAL A 323 -8.05 10.46 -10.80
N MET A 324 -8.86 10.28 -11.84
CA MET A 324 -8.47 10.77 -13.16
CA MET A 324 -8.54 10.78 -13.18
C MET A 324 -8.42 12.30 -13.16
N LYS A 325 -9.39 12.94 -12.49
CA LYS A 325 -9.36 14.39 -12.31
C LYS A 325 -8.12 14.78 -11.50
N MET A 326 -7.84 14.05 -10.43
CA MET A 326 -6.67 14.31 -9.59
C MET A 326 -5.36 14.32 -10.43
N ILE A 327 -5.22 13.29 -11.25
CA ILE A 327 -4.06 13.10 -12.07
C ILE A 327 -3.88 14.27 -13.03
N GLU A 328 -4.98 14.73 -13.63
CA GLU A 328 -4.91 15.85 -14.55
C GLU A 328 -4.55 17.15 -13.83
N LEU A 329 -5.19 17.43 -12.69
CA LEU A 329 -4.90 18.69 -12.01
C LEU A 329 -3.48 18.72 -11.41
N LEU A 330 -2.89 17.55 -11.20
CA LEU A 330 -1.48 17.43 -10.80
C LEU A 330 -0.51 17.61 -11.97
N GLY A 331 -1.03 17.75 -13.18
CA GLY A 331 -0.18 17.81 -14.37
C GLY A 331 0.51 16.51 -14.73
N ARG A 332 -0.16 15.41 -14.41
CA ARG A 332 0.34 14.07 -14.63
C ARG A 332 -0.52 13.41 -15.68
N LYS A 333 -0.24 12.14 -15.99
CA LYS A 333 -0.94 11.41 -17.03
C LYS A 333 -1.38 10.06 -16.47
N PRO A 334 -2.55 9.53 -16.87
CA PRO A 334 -2.85 8.19 -16.39
C PRO A 334 -1.98 7.12 -17.07
N GLY A 335 -1.72 6.05 -16.34
CA GLY A 335 -0.90 4.97 -16.88
C GLY A 335 -1.56 4.36 -18.12
N ARG A 336 -0.74 4.05 -19.13
CA ARG A 336 -1.21 3.53 -20.43
C ARG A 336 -1.25 2.00 -20.50
N ASP A 337 -0.35 1.37 -19.78
CA ASP A 337 -0.21 -0.08 -19.77
C ASP A 337 -0.56 -0.57 -18.38
N TRP A 338 -0.14 -1.78 -18.01
CA TRP A 338 -0.48 -2.32 -16.68
C TRP A 338 0.32 -1.68 -15.54
N GLY A 339 1.32 -0.88 -15.86
CA GLY A 339 2.12 -0.25 -14.82
C GLY A 339 2.95 -1.22 -14.02
N GLY A 340 3.43 -2.29 -14.65
CA GLY A 340 4.36 -3.18 -13.99
C GLY A 340 5.69 -2.49 -13.77
N ARG A 341 6.49 -3.04 -12.87
CA ARG A 341 7.78 -2.44 -12.62
C ARG A 341 8.67 -2.53 -13.88
N LYS A 342 9.31 -1.41 -14.18
CA LYS A 342 10.23 -1.30 -15.33
C LYS A 342 11.60 -0.97 -14.76
N ARG A 343 12.40 -2.01 -14.56
CA ARG A 343 13.68 -1.87 -13.89
C ARG A 343 14.66 -1.07 -14.70
N VAL A 344 15.34 -0.15 -14.02
CA VAL A 344 16.47 0.57 -14.58
C VAL A 344 17.72 0.03 -13.90
N PHE A 345 18.45 -0.85 -14.60
CA PHE A 345 19.64 -1.46 -14.01
C PHE A 345 20.75 -0.42 -13.91
N GLU A 346 21.40 -0.36 -12.76
CA GLU A 346 22.43 0.64 -12.60
C GLU A 346 23.53 0.10 -11.72
N THR A 347 24.39 0.99 -11.20
CA THR A 347 25.59 0.65 -10.44
C THR A 347 25.30 0.85 -8.95
FE1 SF4 B . -4.49 -8.07 10.54
FE2 SF4 B . -5.01 -7.82 7.74
FE3 SF4 B . -6.81 -9.08 9.53
FE4 SF4 B . -6.49 -6.41 9.73
S1 SF4 B . -7.32 -7.51 7.93
S2 SF4 B . -6.59 -7.94 11.47
S3 SF4 B . -4.27 -6.17 9.21
S4 SF4 B . -4.65 -9.74 9.01
N SAM C . -5.36 -8.83 5.71
CA SAM C . -4.38 -8.40 4.68
C SAM C . -3.08 -8.02 5.38
O SAM C . -3.05 -7.80 6.61
OXT SAM C . -2.04 -7.92 4.76
CB SAM C . -4.90 -7.27 3.81
CG SAM C . -5.86 -6.28 4.47
SD SAM C . -5.07 -5.28 5.75
CE SAM C . -6.53 -4.38 6.28
C5' SAM C . -4.23 -4.01 4.71
C4' SAM C . -3.26 -3.05 5.37
O4' SAM C . -3.99 -2.12 6.17
C3' SAM C . -2.24 -3.60 6.34
O3' SAM C . -1.13 -4.16 5.67
C2' SAM C . -1.93 -2.43 7.28
O2' SAM C . -0.66 -1.88 6.98
C1' SAM C . -3.06 -1.42 6.97
N9 SAM C . -3.72 -1.05 8.22
C8 SAM C . -4.44 -1.86 9.05
N7 SAM C . -4.83 -1.14 10.12
C5 SAM C . -4.35 0.12 10.02
C6 SAM C . -4.46 1.26 10.80
N6 SAM C . -5.11 1.28 11.97
N1 SAM C . -3.82 2.40 10.35
C2 SAM C . -3.15 2.43 9.13
N3 SAM C . -3.08 1.32 8.36
C4 SAM C . -3.67 0.18 8.80
C1 1N7 D . -13.48 7.26 -17.22
C2 1N7 D . -14.74 7.81 -17.89
C3 1N7 D . -15.79 5.46 -17.93
C4 1N7 D . -16.58 4.41 -18.70
C5 1N7 D . -17.87 5.01 -19.27
C6 1N7 D . -17.46 6.19 -20.15
C7 1N7 D . -18.75 6.55 -20.89
C8 1N7 D . -19.44 5.22 -21.09
C9 1N7 D . -18.61 4.17 -20.30
C10 1N7 D . -18.84 5.41 -18.15
C11 1N7 D . -15.66 8.37 -16.79
C12 1N7 D . -12.44 6.79 -18.24
C13 1N7 D . -11.99 7.98 -19.10
C14 1N7 D . -13.21 8.58 -19.81
C15 1N7 D . -14.34 8.96 -18.83
C16 1N7 D . -15.53 9.53 -19.62
C17 1N7 D . -16.38 8.49 -20.35
C18 1N7 D . -16.73 7.31 -19.41
C19 1N7 D . -15.48 6.74 -18.73
C20 1N7 D . -19.45 2.98 -19.85
C21 1N7 D . -18.64 1.91 -19.08
C22 1N7 D . -20.21 2.34 -21.02
C23 1N7 D . -19.37 1.93 -22.24
C24 1N7 D . -18.36 0.82 -21.97
N1 1N7 D . -17.11 1.12 -22.33
O1 1N7 D . -18.67 -0.28 -21.50
O2 1N7 D . -10.98 7.57 -20.06
O3 1N7 D . -15.71 8.03 -21.53
O4 1N7 D . -15.73 3.87 -19.72
C25 1N7 D . -15.97 0.21 -22.20
C26 1N7 D . -14.70 1.02 -22.44
C27 1N7 D . -13.46 0.20 -22.12
N2 1N7 D . -12.20 0.99 -22.14
C28 1N7 D . -12.04 1.76 -23.40
C29 1N7 D . -12.09 1.93 -20.98
C30 1N7 D . -11.21 -0.07 -21.94
C1 1N7 E . 5.61 19.01 -3.75
C2 1N7 E . 6.00 19.91 -2.57
C3 1N7 E . 4.38 21.77 -3.40
C4 1N7 E . 4.13 23.27 -3.60
C5 1N7 E . 4.45 24.04 -2.32
C6 1N7 E . 5.91 23.77 -1.98
C7 1N7 E . 6.24 24.77 -0.88
C8 1N7 E . 5.40 26.00 -1.26
C9 1N7 E . 4.46 25.57 -2.41
C10 1N7 E . 3.49 23.57 -1.22
C11 1N7 E . 5.12 19.49 -1.39
C12 1N7 E . 6.51 19.16 -4.97
C13 1N7 E . 7.95 18.79 -4.61
C14 1N7 E . 8.42 19.73 -3.52
C15 1N7 E . 7.50 19.67 -2.29
C16 1N7 E . 8.04 20.61 -1.20
C17 1N7 E . 7.72 22.10 -1.42
C18 1N7 E . 6.23 22.29 -1.70
C19 1N7 E . 5.79 21.41 -2.89
C20 1N7 E . 3.10 26.29 -2.41
C21 1N7 E . 2.26 25.93 -3.65
C22 1N7 E . 3.28 27.81 -2.34
C23 1N7 E . 4.04 28.39 -3.52
C24 1N7 E . 4.20 29.89 -3.37
N1 1N7 E . 5.44 30.40 -3.27
O1 1N7 E . 3.22 30.58 -3.35
O2 1N7 E . 8.80 18.90 -5.75
O3 1N7 E . 8.57 22.63 -2.46
O4 1N7 E . 4.90 23.71 -4.75
C31 1N7 E . 6.46 34.34 -6.87
C32 1N7 E . 5.99 35.79 -6.92
O5 1N7 E . 6.88 33.86 -8.16
S1 1N7 E . 5.11 36.14 -5.54
O7 1N7 E . 4.04 35.15 -5.37
O8 1N7 E . 4.53 37.49 -5.64
O6 1N7 E . 5.88 35.94 -4.30
C1 1N7 F . 4.26 21.78 2.26
C2 1N7 F . 3.73 20.50 2.91
C3 1N7 F . 1.69 21.78 3.90
C4 1N7 F . 0.79 22.04 5.09
C5 1N7 F . 0.20 20.72 5.63
C6 1N7 F . 1.39 19.84 6.00
C7 1N7 F . 0.77 18.68 6.77
C8 1N7 F . -0.44 19.29 7.46
C9 1N7 F . -0.55 20.75 6.97
C10 1N7 F . -0.66 20.02 4.56
C11 1N7 F . 2.92 19.76 1.82
C12 1N7 F . 5.29 22.54 3.10
C13 1N7 F . 6.46 21.65 3.47
C14 1N7 F . 5.97 20.40 4.19
C15 1N7 F . 4.91 19.63 3.37
C16 1N7 F . 4.46 18.39 4.15
C17 1N7 F . 3.50 18.64 5.30
C18 1N7 F . 2.33 19.51 4.83
C19 1N7 F . 2.84 20.80 4.16
C20 1N7 F . -2.00 21.24 6.98
C21 1N7 F . -2.17 22.66 6.44
C22 1N7 F . -2.58 21.19 8.39
C23 1N7 F . -4.04 21.59 8.38
O2 1N7 F . 7.40 22.33 4.31
O3 1N7 F . 4.18 19.19 6.45
O4 1N7 F . 1.54 22.78 6.08
C1 1N7 G . 3.48 25.65 2.95
C2 1N7 G . 2.03 26.18 2.97
C3 1N7 G . 2.63 28.26 1.56
C4 1N7 G . 2.53 29.80 1.45
C5 1N7 G . 1.05 30.22 1.47
C6 1N7 G . 0.42 29.69 2.75
C7 1N7 G . -0.95 30.36 2.80
C8 1N7 G . -0.65 31.77 2.24
C9 1N7 G . 0.77 31.73 1.65
C10 1N7 G . 0.36 29.74 0.18
C11 1N7 G . 1.35 25.49 1.79
C12 1N7 G . 4.30 26.07 4.18
C13 1N7 G . 3.61 25.58 5.45
C14 1N7 G . 2.20 26.16 5.53
C15 1N7 G . 1.38 25.75 4.30
C16 1N7 G . -0.05 26.24 4.45
C17 1N7 G . -0.21 27.75 4.21
C18 1N7 G . 0.48 28.18 2.91
C19 1N7 G . 1.95 27.71 2.83
C20 1N7 G . 0.90 32.62 0.40
C21 1N7 G . 2.26 32.57 -0.28
C22 1N7 G . 0.55 34.05 0.79
O2 1N7 G . 4.34 25.99 6.61
O3 1N7 G . 0.31 28.48 5.34
O4 1N7 G . 3.29 30.46 2.50
C1 1N7 H . -14.10 13.58 -13.90
C1 1N7 H . -9.09 11.11 -20.62
C2 1N7 H . -14.32 13.01 -15.29
C2 1N7 H . -8.95 11.76 -19.25
C3 1N7 H . -11.97 13.71 -15.76
C3 1N7 H . -11.52 11.74 -18.88
C4 1N7 H . -10.96 14.18 -16.80
C4 1N7 H . -12.72 12.47 -18.30
C5 1N7 H . -11.12 13.37 -18.07
C5 1N7 H . -12.48 12.94 -16.88
C6 1N7 H . -12.53 13.61 -18.58
C6 1N7 H . -11.26 13.84 -16.87
C7 1N7 H . -12.55 13.08 -20.01
C7 1N7 H . -11.21 14.37 -15.45
C8 1N7 H . -11.11 13.25 -20.48
C8 1N7 H . -12.68 14.56 -15.09
C9 1N7 H . -10.33 13.83 -19.28
C9 1N7 H . -13.48 13.92 -16.24
C10 1N7 H . -10.84 11.88 -17.82
C10 1N7 H . -12.34 11.72 -15.96
C11 1N7 H . -13.94 11.53 -15.28
C11 1N7 H . -8.68 10.62 -18.27
C12 1N7 H . -14.52 15.04 -13.84
C12 1N7 H . -9.19 12.12 -21.78
C13 1N7 H . -16.00 15.16 -14.17
C13 1N7 H . -7.95 13.01 -21.84
C14 1N7 H . -16.19 14.66 -15.60
C14 1N7 H . -7.72 13.69 -20.49
C15 1N7 H . -15.78 13.20 -15.73
C15 1N7 H . -7.75 12.72 -19.30
C16 1N7 H . -16.03 12.72 -17.17
C16 1N7 H . -7.59 13.57 -18.02
C17 1N7 H . -15.00 13.19 -18.19
C17 1N7 H . -8.85 14.19 -17.44
C18 1N7 H . -13.58 13.04 -17.64
C18 1N7 H . -9.99 13.18 -17.41
C19 1N7 H . -13.41 13.71 -16.28
C19 1N7 H . -10.20 12.54 -18.79
C20 1N7 H . -8.86 13.53 -19.39
C20 1N7 H . -14.83 13.41 -15.75
C21 1N7 H . -8.12 13.97 -18.14
C21 1N7 H . -15.64 12.77 -16.88
C22 1N7 H . -8.37 14.25 -20.64
C22 1N7 H . -15.63 14.57 -15.16
O2 1N7 H . -16.43 16.52 -14.04
O2 1N7 H . -8.11 14.04 -22.84
O3 1N7 H . -15.29 14.53 -18.61
O3 1N7 H . -9.19 15.34 -18.22
O4 1N7 H . -11.20 15.56 -17.09
O4 1N7 H . -12.98 13.60 -19.13
C1 GOL I . 5.80 2.08 -14.03
O1 GOL I . 5.33 1.64 -15.31
C2 GOL I . 7.28 1.77 -13.92
O2 GOL I . 8.00 2.84 -14.50
C3 GOL I . 7.77 1.50 -12.49
O3 GOL I . 9.07 0.94 -12.60
FE1 FES J . -12.11 8.30 -3.38
FE2 FES J . -10.17 10.01 -4.19
S1 FES J . -10.44 7.93 -4.77
S2 FES J . -11.78 10.34 -2.75
S H2S K . -14.14 8.06 -4.22
S H2S L . -10.00 11.44 -5.82
C1 IPA M . -8.55 0.92 -22.76
C2 IPA M . -8.54 -0.31 -21.86
C3 IPA M . -7.30 -1.11 -22.23
O2 IPA M . -8.49 0.17 -20.53
CL CL N . -0.60 -3.24 -7.98
CL CL O . -4.11 2.66 3.25
S SO4 P . 4.16 -3.49 -17.87
O1 SO4 P . 5.54 -3.12 -17.52
O2 SO4 P . 4.08 -3.52 -19.34
O3 SO4 P . 3.80 -4.80 -17.33
O4 SO4 P . 3.25 -2.48 -17.35
#